data_3DAC
#
_entry.id   3DAC
#
_cell.length_a   66.430
_cell.length_b   30.810
_cell.length_c   70.090
_cell.angle_alpha   90.00
_cell.angle_beta   107.43
_cell.angle_gamma   90.00
#
_symmetry.space_group_name_H-M   'P 1 21 1'
#
loop_
_entity.id
_entity.type
_entity.pdbx_description
1 polymer 'Mdm4 protein'
2 polymer 'Cellular tumor antigen p53'
3 water water
#
loop_
_entity_poly.entity_id
_entity_poly.type
_entity_poly.pdbx_seq_one_letter_code
_entity_poly.pdbx_strand_id
1 'polypeptide(L)'
;MAHHHHHHVDDDDKIRTLPGEGTQVHPRAPLLQILKVAGAQEEVFTVKEVMHYLGQYIMMKQLYDKQRQHIVHCHDDPLG
ELLEVGSFSVKNPSPLYEMLKRNLVILNNSDAAKNLSVGKDSNESPSEDP
;
M,A
2 'polypeptide(L)' ETFSDLWKLLPENNVLSPLPS P,B
#
# COMPACT_ATOMS: atom_id res chain seq x y z
N THR A 23 -22.42 -2.24 7.18
CA THR A 23 -23.25 -2.09 5.96
C THR A 23 -22.42 -2.36 4.72
N GLN A 24 -22.98 -3.13 3.80
CA GLN A 24 -22.29 -3.54 2.59
C GLN A 24 -22.69 -2.64 1.44
N VAL A 25 -21.72 -2.35 0.58
CA VAL A 25 -21.96 -1.50 -0.57
C VAL A 25 -21.38 -2.15 -1.82
N HIS A 26 -21.99 -1.83 -2.95
CA HIS A 26 -21.52 -2.25 -4.24
C HIS A 26 -21.07 -1.01 -5.00
N PRO A 27 -19.75 -0.87 -5.23
CA PRO A 27 -19.28 0.29 -5.98
C PRO A 27 -19.72 0.28 -7.43
N ARG A 28 -20.12 1.43 -7.94
CA ARG A 28 -20.39 1.59 -9.36
C ARG A 28 -19.12 1.32 -10.15
N ALA A 29 -19.30 0.89 -11.40
CA ALA A 29 -18.22 0.37 -12.22
C ALA A 29 -16.90 1.17 -12.20
N PRO A 30 -16.99 2.52 -12.37
CA PRO A 30 -15.75 3.28 -12.46
C PRO A 30 -14.97 3.28 -11.14
N LEU A 31 -15.67 3.33 -10.02
CA LEU A 31 -15.02 3.22 -8.71
C LEU A 31 -14.50 1.79 -8.49
N LEU A 32 -15.31 0.79 -8.87
CA LEU A 32 -14.87 -0.59 -8.75
C LEU A 32 -13.57 -0.85 -9.52
N GLN A 33 -13.44 -0.25 -10.71
CA GLN A 33 -12.22 -0.36 -11.50
C GLN A 33 -11.01 0.09 -10.68
N ILE A 34 -11.13 1.26 -10.05
CA ILE A 34 -10.06 1.83 -9.22
C ILE A 34 -9.68 0.93 -8.04
N LEU A 35 -10.68 0.41 -7.33
CA LEU A 35 -10.43 -0.45 -6.17
C LEU A 35 -9.69 -1.73 -6.58
N LYS A 36 -9.98 -2.22 -7.77
CA LYS A 36 -9.35 -3.45 -8.28
C LYS A 36 -7.90 -3.22 -8.71
N VAL A 37 -7.63 -2.06 -9.30
CA VAL A 37 -6.28 -1.62 -9.55
C VAL A 37 -5.49 -1.65 -8.24
N ALA A 38 -6.11 -1.14 -7.18
CA ALA A 38 -5.52 -1.12 -5.84
C ALA A 38 -5.46 -2.48 -5.12
N GLY A 39 -5.88 -3.56 -5.80
CA GLY A 39 -5.71 -4.90 -5.28
C GLY A 39 -6.96 -5.59 -4.74
N ALA A 40 -8.09 -4.90 -4.77
CA ALA A 40 -9.32 -5.45 -4.19
C ALA A 40 -9.80 -6.63 -5.03
N GLN A 41 -10.12 -7.74 -4.37
CA GLN A 41 -10.64 -8.92 -5.04
C GLN A 41 -12.16 -9.06 -4.88
N GLU A 42 -12.75 -8.24 -4.02
CA GLU A 42 -14.18 -8.34 -3.72
C GLU A 42 -14.99 -7.51 -4.73
N GLU A 43 -16.30 -7.80 -4.77
CA GLU A 43 -17.28 -7.02 -5.53
C GLU A 43 -18.12 -6.18 -4.57
N VAL A 44 -18.33 -6.70 -3.36
CA VAL A 44 -19.10 -6.01 -2.33
C VAL A 44 -18.13 -5.68 -1.19
N PHE A 45 -18.29 -4.49 -0.62
CA PHE A 45 -17.34 -3.95 0.37
C PHE A 45 -18.06 -3.34 1.55
N THR A 46 -17.32 -3.14 2.64
CA THR A 46 -17.70 -2.15 3.65
C THR A 46 -17.08 -0.81 3.26
N VAL A 47 -17.63 0.29 3.76
CA VAL A 47 -17.07 1.61 3.49
C VAL A 47 -15.62 1.67 3.98
N LYS A 48 -15.33 1.05 5.11
CA LYS A 48 -13.96 0.94 5.64
C LYS A 48 -13.00 0.30 4.62
N GLU A 49 -13.44 -0.78 3.98
CA GLU A 49 -12.64 -1.45 2.96
C GLU A 49 -12.48 -0.57 1.73
N VAL A 50 -13.52 0.15 1.35
CA VAL A 50 -13.44 1.06 0.22
C VAL A 50 -12.40 2.15 0.53
N MET A 51 -12.42 2.68 1.75
CA MET A 51 -11.45 3.70 2.14
C MET A 51 -10.03 3.15 2.12
N HIS A 52 -9.87 1.92 2.61
CA HIS A 52 -8.59 1.24 2.57
C HIS A 52 -8.03 1.17 1.16
N TYR A 53 -8.84 0.67 0.22
CA TYR A 53 -8.37 0.54 -1.16
C TYR A 53 -8.14 1.87 -1.88
N LEU A 54 -8.92 2.91 -1.57
CA LEU A 54 -8.65 4.25 -2.12
C LEU A 54 -7.30 4.76 -1.64
N GLY A 55 -7.01 4.58 -0.35
CA GLY A 55 -5.70 4.87 0.19
C GLY A 55 -4.60 4.10 -0.52
N GLN A 56 -4.84 2.81 -0.74
CA GLN A 56 -3.87 1.96 -1.43
C GLN A 56 -3.60 2.49 -2.83
N TYR A 57 -4.68 2.86 -3.52
CA TYR A 57 -4.58 3.35 -4.90
C TYR A 57 -3.74 4.63 -4.96
N ILE A 58 -4.05 5.60 -4.09
CA ILE A 58 -3.33 6.85 -4.05
C ILE A 58 -1.86 6.58 -3.74
N MET A 59 -1.62 5.68 -2.81
CA MET A 59 -0.25 5.38 -2.41
C MET A 59 0.52 4.70 -3.54
N MET A 60 -0.09 3.66 -4.14
CA MET A 60 0.52 2.91 -5.25
C MET A 60 0.82 3.73 -6.49
N LYS A 61 -0.10 4.64 -6.82
CA LYS A 61 0.05 5.49 -7.98
C LYS A 61 0.81 6.78 -7.65
N GLN A 62 1.15 6.98 -6.37
CA GLN A 62 1.92 8.13 -5.91
C GLN A 62 1.29 9.47 -6.32
N LEU A 63 0.00 9.59 -6.03
CA LEU A 63 -0.78 10.79 -6.39
C LEU A 63 -0.63 11.89 -5.35
N TYR A 64 -0.27 11.52 -4.14
CA TYR A 64 -0.05 12.51 -3.09
C TYR A 64 1.12 13.42 -3.47
N ASP A 65 1.01 14.69 -3.08
CA ASP A 65 2.10 15.64 -3.26
C ASP A 65 3.31 15.15 -2.46
N LYS A 66 4.48 15.14 -3.07
CA LYS A 66 5.69 14.61 -2.40
C LYS A 66 6.10 15.41 -1.16
N GLN A 67 5.86 16.72 -1.18
CA GLN A 67 6.31 17.59 -0.10
C GLN A 67 5.22 17.82 0.96
N ARG A 68 3.99 18.02 0.51
CA ARG A 68 2.88 18.27 1.42
C ARG A 68 1.87 17.15 1.23
N GLN A 69 2.05 16.07 1.98
CA GLN A 69 1.45 14.79 1.61
C GLN A 69 -0.04 14.61 1.95
N HIS A 70 -0.65 15.59 2.61
CA HIS A 70 -2.11 15.63 2.71
C HIS A 70 -2.78 16.07 1.39
N ILE A 71 -2.01 16.62 0.45
CA ILE A 71 -2.55 17.01 -0.84
C ILE A 71 -2.43 15.87 -1.85
N VAL A 72 -3.54 15.56 -2.52
CA VAL A 72 -3.58 14.48 -3.50
C VAL A 72 -3.91 15.07 -4.87
N HIS A 73 -2.98 14.89 -5.82
CA HIS A 73 -3.14 15.40 -7.18
C HIS A 73 -3.72 14.32 -8.06
N CYS A 74 -4.97 14.49 -8.49
CA CYS A 74 -5.65 13.44 -9.26
C CYS A 74 -6.10 13.89 -10.66
N HIS A 75 -5.68 15.07 -11.10
CA HIS A 75 -5.85 15.48 -12.48
C HIS A 75 -5.14 14.45 -13.35
N ASP A 76 -5.67 14.19 -14.53
CA ASP A 76 -5.07 13.20 -15.41
C ASP A 76 -4.89 11.82 -14.74
N ASP A 77 -5.82 11.47 -13.87
CA ASP A 77 -5.96 10.11 -13.35
C ASP A 77 -7.45 9.82 -13.30
N PRO A 78 -7.86 8.56 -13.55
CA PRO A 78 -9.28 8.20 -13.45
C PRO A 78 -9.95 8.54 -12.10
N LEU A 79 -9.17 8.57 -11.03
CA LEU A 79 -9.70 8.98 -9.74
C LEU A 79 -10.21 10.41 -9.77
N GLY A 80 -9.47 11.29 -10.47
CA GLY A 80 -9.89 12.66 -10.67
C GLY A 80 -11.21 12.76 -11.43
N GLU A 81 -11.41 11.90 -12.42
CA GLU A 81 -12.68 11.86 -13.15
C GLU A 81 -13.86 11.58 -12.21
N LEU A 82 -13.68 10.66 -11.27
CA LEU A 82 -14.71 10.39 -10.26
C LEU A 82 -14.88 11.52 -9.24
N LEU A 83 -13.78 12.12 -8.79
CA LEU A 83 -13.84 13.16 -7.79
C LEU A 83 -14.33 14.48 -8.38
N GLU A 84 -14.17 14.61 -9.70
CA GLU A 84 -14.52 15.81 -10.45
C GLU A 84 -13.68 17.02 -10.04
N VAL A 85 -12.54 16.77 -9.40
CA VAL A 85 -11.61 17.83 -8.97
C VAL A 85 -10.20 17.43 -9.37
N GLY A 86 -9.32 18.41 -9.56
CA GLY A 86 -7.96 18.14 -9.96
C GLY A 86 -7.06 17.79 -8.80
N SER A 87 -7.45 18.24 -7.61
CA SER A 87 -6.74 17.88 -6.40
C SER A 87 -7.69 17.99 -5.23
N PHE A 88 -7.30 17.37 -4.12
CA PHE A 88 -8.03 17.51 -2.87
C PHE A 88 -7.09 17.33 -1.70
N SER A 89 -7.54 17.80 -0.54
CA SER A 89 -6.81 17.66 0.72
C SER A 89 -7.45 16.57 1.55
N VAL A 90 -6.63 15.67 2.08
CA VAL A 90 -7.08 14.64 3.02
C VAL A 90 -7.75 15.29 4.25
N LYS A 91 -7.38 16.54 4.55
CA LYS A 91 -7.98 17.31 5.65
C LYS A 91 -9.23 18.12 5.27
N ASN A 92 -9.59 18.12 3.98
CA ASN A 92 -10.83 18.71 3.45
C ASN A 92 -11.48 17.64 2.55
N PRO A 93 -11.84 16.49 3.14
CA PRO A 93 -12.24 15.30 2.37
C PRO A 93 -13.64 15.27 1.74
N SER A 94 -14.45 16.30 1.89
CA SER A 94 -15.81 16.25 1.32
C SER A 94 -15.95 15.83 -0.17
N PRO A 95 -15.05 16.29 -1.08
CA PRO A 95 -15.13 15.72 -2.43
C PRO A 95 -15.03 14.20 -2.48
N LEU A 96 -14.17 13.63 -1.62
CA LEU A 96 -14.07 12.19 -1.51
C LEU A 96 -15.39 11.59 -1.07
N TYR A 97 -15.96 12.15 -0.01
CA TYR A 97 -17.21 11.62 0.56
C TYR A 97 -18.36 11.79 -0.40
N GLU A 98 -18.41 12.95 -1.07
CA GLU A 98 -19.46 13.19 -2.06
C GLU A 98 -19.34 12.23 -3.25
N MET A 99 -18.10 11.93 -3.64
CA MET A 99 -17.84 10.94 -4.70
C MET A 99 -18.36 9.56 -4.29
N LEU A 100 -18.07 9.17 -3.06
CA LEU A 100 -18.54 7.88 -2.53
C LEU A 100 -20.07 7.82 -2.49
N LYS A 101 -20.72 8.93 -2.12
CA LYS A 101 -22.19 9.01 -2.14
C LYS A 101 -22.74 8.73 -3.54
N ARG A 102 -22.06 9.26 -4.56
CA ARG A 102 -22.46 9.01 -5.95
C ARG A 102 -22.11 7.63 -6.48
N ASN A 103 -21.12 6.97 -5.88
CA ASN A 103 -20.54 5.77 -6.48
C ASN A 103 -20.67 4.49 -5.67
N LEU A 104 -21.39 4.55 -4.54
CA LEU A 104 -21.66 3.38 -3.73
C LEU A 104 -23.16 3.12 -3.66
N VAL A 105 -23.57 1.96 -4.14
CA VAL A 105 -24.96 1.51 -3.96
C VAL A 105 -25.01 0.65 -2.71
N ILE A 106 -25.86 1.03 -1.76
CA ILE A 106 -26.03 0.27 -0.53
C ILE A 106 -26.84 -0.99 -0.82
N LEU A 107 -26.35 -2.14 -0.33
CA LEU A 107 -27.03 -3.41 -0.55
C LEU A 107 -28.18 -3.57 0.45
N GLU B 1 2.40 13.66 8.80
CA GLU B 1 3.67 13.76 8.01
C GLU B 1 3.55 13.03 6.67
N THR B 2 3.50 11.70 6.72
CA THR B 2 3.45 10.89 5.51
C THR B 2 1.99 10.69 5.05
N PHE B 3 1.75 10.50 3.75
CA PHE B 3 0.38 10.29 3.26
C PHE B 3 -0.31 9.16 4.03
N SER B 4 0.40 8.06 4.22
CA SER B 4 -0.14 6.90 4.89
C SER B 4 -0.63 7.25 6.31
N ASP B 5 0.21 7.99 7.04
CA ASP B 5 -0.10 8.46 8.39
C ASP B 5 -1.37 9.30 8.37
N LEU B 6 -1.43 10.21 7.40
CA LEU B 6 -2.56 11.13 7.25
C LEU B 6 -3.86 10.46 6.85
N TRP B 7 -3.78 9.54 5.88
CA TRP B 7 -4.94 8.79 5.41
C TRP B 7 -5.59 7.99 6.53
N LYS B 8 -4.77 7.43 7.42
CA LYS B 8 -5.27 6.69 8.59
C LYS B 8 -6.15 7.54 9.52
N LEU B 9 -5.99 8.86 9.49
CA LEU B 9 -6.78 9.77 10.34
C LEU B 9 -8.11 10.20 9.72
N LEU B 10 -8.43 9.71 8.53
CA LEU B 10 -9.68 10.08 7.88
C LEU B 10 -10.86 9.48 8.64
N PRO B 11 -11.81 10.33 9.06
CA PRO B 11 -13.07 9.78 9.57
C PRO B 11 -13.84 9.02 8.50
N GLU B 12 -14.25 7.79 8.81
CA GLU B 12 -14.98 6.94 7.88
C GLU B 12 -16.48 7.23 7.95
N THR C 23 2.23 -23.03 1.21
CA THR C 23 3.06 -23.33 2.41
C THR C 23 2.98 -22.18 3.41
N GLN C 24 2.76 -22.53 4.68
CA GLN C 24 2.57 -21.54 5.74
C GLN C 24 3.88 -21.31 6.48
N VAL C 25 4.09 -20.07 6.92
CA VAL C 25 5.28 -19.71 7.68
C VAL C 25 4.91 -18.86 8.87
N HIS C 26 5.76 -18.91 9.89
CA HIS C 26 5.58 -18.14 11.10
C HIS C 26 6.78 -17.23 11.23
N PRO C 27 6.60 -15.91 11.00
CA PRO C 27 7.71 -14.98 11.13
C PRO C 27 8.25 -14.81 12.55
N ARG C 28 9.57 -14.68 12.65
CA ARG C 28 10.20 -14.37 13.91
C ARG C 28 9.81 -12.96 14.32
N ALA C 29 9.89 -12.69 15.63
CA ALA C 29 9.49 -11.43 16.23
C ALA C 29 9.85 -10.15 15.47
N PRO C 30 11.14 -9.96 15.11
CA PRO C 30 11.51 -8.70 14.48
C PRO C 30 10.86 -8.51 13.10
N LEU C 31 10.67 -9.60 12.36
CA LEU C 31 9.99 -9.52 11.09
C LEU C 31 8.49 -9.26 11.31
N LEU C 32 7.89 -9.96 12.27
CA LEU C 32 6.49 -9.75 12.59
C LEU C 32 6.17 -8.30 12.97
N GLN C 33 7.07 -7.61 13.66
CA GLN C 33 6.85 -6.21 14.02
C GLN C 33 6.66 -5.37 12.74
N ILE C 34 7.54 -5.61 11.77
CA ILE C 34 7.48 -4.91 10.49
C ILE C 34 6.18 -5.20 9.74
N LEU C 35 5.77 -6.46 9.70
CA LEU C 35 4.55 -6.82 8.99
C LEU C 35 3.33 -6.16 9.64
N LYS C 36 3.34 -6.09 10.97
CA LYS C 36 2.25 -5.45 11.72
C LYS C 36 2.16 -3.95 11.46
N VAL C 37 3.30 -3.28 11.33
CA VAL C 37 3.30 -1.89 10.89
C VAL C 37 2.57 -1.78 9.56
N ALA C 38 2.84 -2.71 8.65
CA ALA C 38 2.23 -2.74 7.31
C ALA C 38 0.76 -3.16 7.27
N GLY C 39 0.17 -3.46 8.43
CA GLY C 39 -1.25 -3.76 8.51
C GLY C 39 -1.59 -5.22 8.74
N ALA C 40 -0.57 -6.08 8.90
CA ALA C 40 -0.85 -7.51 9.11
C ALA C 40 -1.46 -7.74 10.49
N GLN C 41 -2.52 -8.54 10.51
CA GLN C 41 -3.22 -8.88 11.75
C GLN C 41 -2.96 -10.34 12.18
N GLU C 42 -2.32 -11.11 11.31
CA GLU C 42 -2.08 -12.53 11.57
C GLU C 42 -0.68 -12.79 12.11
N GLU C 43 -0.46 -13.99 12.64
CA GLU C 43 0.86 -14.45 13.08
C GLU C 43 1.41 -15.53 12.14
N VAL C 44 0.54 -16.16 11.36
CA VAL C 44 0.95 -17.15 10.37
C VAL C 44 0.55 -16.62 8.99
N PHE C 45 1.41 -16.85 8.00
CA PHE C 45 1.25 -16.30 6.66
C PHE C 45 1.70 -17.30 5.62
N THR C 46 1.31 -17.06 4.38
CA THR C 46 2.00 -17.65 3.23
C THR C 46 3.13 -16.69 2.85
N VAL C 47 4.10 -17.17 2.08
CA VAL C 47 5.19 -16.32 1.59
C VAL C 47 4.64 -15.16 0.73
N LYS C 48 3.61 -15.44 -0.06
CA LYS C 48 2.91 -14.41 -0.84
C LYS C 48 2.39 -13.28 0.03
N GLU C 49 1.76 -13.63 1.16
CA GLU C 49 1.28 -12.64 2.10
C GLU C 49 2.43 -11.87 2.74
N VAL C 50 3.51 -12.57 3.09
CA VAL C 50 4.65 -11.87 3.67
C VAL C 50 5.22 -10.86 2.68
N MET C 51 5.35 -11.25 1.41
CA MET C 51 5.89 -10.36 0.39
C MET C 51 4.98 -9.16 0.19
N HIS C 52 3.67 -9.40 0.21
CA HIS C 52 2.70 -8.33 0.16
C HIS C 52 2.92 -7.29 1.26
N TYR C 53 3.04 -7.76 2.49
CA TYR C 53 3.21 -6.85 3.61
C TYR C 53 4.56 -6.12 3.61
N LEU C 54 5.63 -6.77 3.19
CA LEU C 54 6.91 -6.07 2.99
C LEU C 54 6.81 -4.97 1.91
N GLY C 55 6.14 -5.29 0.80
CA GLY C 55 5.86 -4.29 -0.22
C GLY C 55 5.07 -3.13 0.36
N GLN C 56 4.06 -3.45 1.14
CA GLN C 56 3.21 -2.43 1.77
C GLN C 56 4.02 -1.53 2.70
N TYR C 57 4.91 -2.16 3.47
CA TYR C 57 5.77 -1.44 4.41
C TYR C 57 6.69 -0.47 3.67
N ILE C 58 7.34 -0.95 2.62
CA ILE C 58 8.26 -0.12 1.86
C ILE C 58 7.51 1.07 1.24
N MET C 59 6.34 0.78 0.69
CA MET C 59 5.50 1.80 0.11
C MET C 59 5.01 2.82 1.14
N MET C 60 4.48 2.37 2.27
CA MET C 60 3.91 3.31 3.23
C MET C 60 4.95 4.17 3.95
N LYS C 61 6.13 3.60 4.20
CA LYS C 61 7.26 4.34 4.73
C LYS C 61 8.07 5.08 3.67
N GLN C 62 7.73 4.87 2.39
CA GLN C 62 8.39 5.55 1.26
C GLN C 62 9.91 5.33 1.22
N LEU C 63 10.31 4.07 1.37
CA LEU C 63 11.74 3.71 1.46
C LEU C 63 12.39 3.62 0.09
N TYR C 64 11.57 3.49 -0.95
CA TYR C 64 12.07 3.39 -2.31
C TYR C 64 12.64 4.75 -2.74
N ASP C 65 13.68 4.67 -3.55
CA ASP C 65 14.26 5.83 -4.17
C ASP C 65 13.21 6.51 -5.03
N LYS C 66 13.08 7.82 -4.91
CA LYS C 66 12.01 8.56 -5.57
C LYS C 66 12.17 8.59 -7.09
N GLN C 67 13.42 8.59 -7.55
CA GLN C 67 13.75 8.66 -8.98
C GLN C 67 13.96 7.29 -9.63
N ARG C 68 14.63 6.39 -8.92
CA ARG C 68 14.95 5.07 -9.44
C ARG C 68 14.32 4.05 -8.50
N GLN C 69 13.03 3.76 -8.74
CA GLN C 69 12.18 3.15 -7.70
C GLN C 69 12.34 1.64 -7.47
N HIS C 70 13.25 1.01 -8.21
CA HIS C 70 13.65 -0.37 -7.91
C HIS C 70 14.68 -0.41 -6.76
N ILE C 71 15.24 0.73 -6.40
CA ILE C 71 16.17 0.85 -5.30
C ILE C 71 15.41 1.21 -4.04
N VAL C 72 15.66 0.44 -2.98
CA VAL C 72 15.01 0.65 -1.70
C VAL C 72 16.06 1.01 -0.67
N HIS C 73 15.92 2.18 -0.06
CA HIS C 73 16.86 2.65 0.96
C HIS C 73 16.32 2.35 2.37
N CYS C 74 16.97 1.42 3.06
CA CYS C 74 16.48 0.94 4.35
C CYS C 74 17.46 1.20 5.50
N HIS C 75 18.51 1.97 5.23
CA HIS C 75 19.41 2.45 6.28
C HIS C 75 18.57 3.29 7.24
N ASP C 76 18.86 3.21 8.53
CA ASP C 76 18.10 3.97 9.51
C ASP C 76 16.62 3.57 9.61
N ASP C 77 16.30 2.31 9.28
CA ASP C 77 14.94 1.79 9.41
C ASP C 77 15.06 0.37 9.94
N PRO C 78 14.13 -0.05 10.80
CA PRO C 78 14.10 -1.43 11.28
C PRO C 78 14.23 -2.50 10.19
N LEU C 79 13.71 -2.22 8.98
CA LEU C 79 13.85 -3.17 7.88
C LEU C 79 15.33 -3.39 7.50
N GLY C 80 16.10 -2.31 7.46
CA GLY C 80 17.54 -2.41 7.22
C GLY C 80 18.27 -3.25 8.24
N GLU C 81 17.80 -3.24 9.49
CA GLU C 81 18.41 -4.06 10.55
C GLU C 81 18.22 -5.54 10.25
N LEU C 82 17.05 -5.89 9.73
CA LEU C 82 16.77 -7.27 9.35
C LEU C 82 17.52 -7.67 8.10
N LEU C 83 17.55 -6.78 7.10
CA LEU C 83 18.22 -7.09 5.85
C LEU C 83 19.75 -7.09 5.99
N GLU C 84 20.24 -6.33 6.97
CA GLU C 84 21.66 -6.12 7.22
C GLU C 84 22.36 -5.38 6.09
N VAL C 85 21.60 -4.67 5.26
CA VAL C 85 22.15 -3.87 4.18
C VAL C 85 21.48 -2.48 4.21
N GLY C 86 22.19 -1.48 3.71
CA GLY C 86 21.68 -0.10 3.71
C GLY C 86 20.72 0.16 2.58
N SER C 87 20.83 -0.63 1.51
CA SER C 87 19.91 -0.53 0.39
C SER C 87 19.91 -1.82 -0.38
N PHE C 88 18.87 -2.03 -1.17
CA PHE C 88 18.84 -3.16 -2.09
C PHE C 88 18.03 -2.81 -3.32
N SER C 89 18.22 -3.62 -4.35
CA SER C 89 17.46 -3.49 -5.58
C SER C 89 16.42 -4.59 -5.63
N VAL C 90 15.19 -4.22 -5.97
CA VAL C 90 14.12 -5.18 -6.19
C VAL C 90 14.52 -6.18 -7.30
N LYS C 91 15.39 -5.74 -8.22
CA LYS C 91 15.94 -6.60 -9.29
C LYS C 91 17.14 -7.46 -8.86
N ASN C 92 17.64 -7.26 -7.64
CA ASN C 92 18.72 -8.07 -7.02
C ASN C 92 18.26 -8.40 -5.59
N PRO C 93 17.15 -9.14 -5.47
CA PRO C 93 16.47 -9.33 -4.18
C PRO C 93 17.07 -10.37 -3.23
N SER C 94 18.22 -10.96 -3.54
CA SER C 94 18.78 -11.98 -2.65
C SER C 94 18.91 -11.57 -1.16
N PRO C 95 19.26 -10.28 -0.85
CA PRO C 95 19.27 -9.92 0.60
C PRO C 95 17.90 -10.08 1.26
N LEU C 96 16.86 -9.79 0.48
CA LEU C 96 15.49 -9.96 0.95
C LEU C 96 15.17 -11.41 1.23
N TYR C 97 15.46 -12.27 0.25
CA TYR C 97 15.23 -13.70 0.39
C TYR C 97 16.07 -14.30 1.51
N GLU C 98 17.32 -13.88 1.63
CA GLU C 98 18.17 -14.39 2.70
C GLU C 98 17.65 -13.93 4.07
N MET C 99 17.09 -12.72 4.16
CA MET C 99 16.47 -12.23 5.40
C MET C 99 15.27 -13.11 5.78
N LEU C 100 14.45 -13.41 4.78
CA LEU C 100 13.27 -14.26 5.00
C LEU C 100 13.68 -15.66 5.47
N LYS C 101 14.75 -16.21 4.90
CA LYS C 101 15.28 -17.50 5.38
C LYS C 101 15.67 -17.45 6.86
N ARG C 102 16.25 -16.34 7.30
CA ARG C 102 16.57 -16.15 8.73
C ARG C 102 15.38 -15.87 9.64
N ASN C 103 14.30 -15.35 9.07
CA ASN C 103 13.20 -14.79 9.86
C ASN C 103 11.84 -15.48 9.68
N LEU C 104 11.82 -16.57 8.91
CA LEU C 104 10.61 -17.37 8.75
C LEU C 104 10.85 -18.80 9.20
N VAL C 105 9.96 -19.29 10.06
CA VAL C 105 9.90 -20.69 10.42
C VAL C 105 8.83 -21.35 9.55
N ILE C 106 9.22 -22.36 8.77
CA ILE C 106 8.30 -23.05 7.88
C ILE C 106 7.55 -24.09 8.70
N LEU C 107 6.23 -24.13 8.54
CA LEU C 107 5.37 -25.01 9.32
C LEU C 107 5.19 -26.35 8.64
N GLU D 1 7.53 1.31 -13.98
CA GLU D 1 8.64 1.96 -13.28
C GLU D 1 8.28 2.57 -11.91
N THR D 2 7.06 2.33 -11.43
CA THR D 2 6.71 2.72 -10.08
C THR D 2 7.15 1.58 -9.16
N PHE D 3 7.49 1.87 -7.89
CA PHE D 3 7.85 0.81 -6.94
C PHE D 3 6.82 -0.31 -6.92
N SER D 4 5.55 0.07 -6.86
CA SER D 4 4.47 -0.89 -6.77
C SER D 4 4.48 -1.87 -7.95
N ASP D 5 4.68 -1.35 -9.15
CA ASP D 5 4.71 -2.15 -10.36
C ASP D 5 5.92 -3.07 -10.38
N LEU D 6 7.06 -2.55 -9.95
CA LEU D 6 8.30 -3.33 -9.85
C LEU D 6 8.22 -4.44 -8.81
N TRP D 7 7.68 -4.10 -7.63
CA TRP D 7 7.53 -5.06 -6.54
C TRP D 7 6.62 -6.23 -6.93
N LYS D 8 5.57 -5.93 -7.70
CA LYS D 8 4.65 -6.96 -8.18
C LYS D 8 5.34 -8.03 -9.05
N LEU D 9 6.45 -7.65 -9.69
CA LEU D 9 7.23 -8.58 -10.52
C LEU D 9 8.07 -9.60 -9.74
N LEU D 10 8.24 -9.41 -8.42
CA LEU D 10 9.06 -10.34 -7.62
C LEU D 10 8.49 -11.76 -7.58
N PRO D 11 9.32 -12.77 -7.92
CA PRO D 11 8.95 -14.17 -7.72
C PRO D 11 9.33 -14.69 -6.33
N GLU D 12 9.04 -15.98 -6.09
CA GLU D 12 9.39 -16.67 -4.84
C GLU D 12 9.90 -18.10 -5.16
N ASN D 13 11.20 -18.38 -5.20
CA ASN D 13 12.35 -17.46 -4.99
C ASN D 13 12.43 -16.85 -3.59
#